data_6SAO
#
_entry.id   6SAO
#
_cell.length_a   51.015
_cell.length_b   56.633
_cell.length_c   166.012
_cell.angle_alpha   90.000
_cell.angle_beta   90.000
_cell.angle_gamma   90.000
#
_symmetry.space_group_name_H-M   'P 21 21 21'
#
loop_
_entity.id
_entity.type
_entity.pdbx_description
1 polymer amylase
2 branched 4,6-dideoxy-4-{[(1S,4R,5S,6S)-4,5,6-trihydroxy-3-(hydroxymethyl)cyclohex-2-en-1-yl]amino}-alpha-D-glucopyranose-(1-4)-alpha-D-glucopyranose-(1-4)-4,6-dideoxy-4-{[(1S,4R,5S,6S)-4,5,6-trihydroxy-3-(hydroxymethyl)cyclohex-2-en-1-yl]amino}-alpha-D-glucopyranose-(1-4)-alpha-D-glucopyranose-(1-4)-beta-D-glucopyranose
3 non-polymer 2-acetamido-2-deoxy-beta-D-glucopyranose
4 non-polymer 'SULFATE ION'
5 non-polymer 1,2-ETHANEDIOL
6 non-polymer 'CALCIUM ION'
7 water water
#
_entity_poly.entity_id   1
_entity_poly.type   'polypeptide(L)'
_entity_poly.pdbx_seq_one_letter_code
;AAAADWKSRSIYQLVTDRFGRSDGSTSACGDLSNYCGGDYKGIQNQLDYIAGMGFDAIWISPIPENTDGGYHGYWAKDFE
KLNTNFGSADDLKALVTAAHGKGMYVMLDVVANHAGPASGGDYSGFTFSSASNYHPQCTIDYDNQTSVEQCWVADDLPDI
NTEDDTIVSKLHSIVSDWVTTYDFDGIRIDTVKHIRKDFWSGYEEAAGVFATGEVFDGDAAYVGPYQDQLSSLINYPLYY
AIRDVFSAGSGFSRISDMLSTIKSNFKDPSVLTTFVDNQDNARFLSVKSDMSLYKNALAFTILTEGIPVVYYGTEQGFKG
GDDPKNREVLWTSNYDTSSDLYKFIKIVNNDVRQKSDKTVTLDVDVGTNTYAFTHGKNLIVVNNYGSGSTESVTVKVGDS
VADGTKLVDAVSNITATVSGGSITFSLKDGLPALFVPSS
;
_entity_poly.pdbx_strand_id   A
#
loop_
_chem_comp.id
_chem_comp.type
_chem_comp.name
_chem_comp.formula
AC1 D-saccharide 4,6-dideoxy-4-{[(1S,4R,5S,6S)-4,5,6-trihydroxy-3-(hydroxymethyl)cyclohex-2-en-1-yl]amino}-alpha-D-glucopyranose 'C13 H23 N O8'
BGC D-saccharide, beta linking beta-D-glucopyranose 'C6 H12 O6'
CA non-polymer 'CALCIUM ION' 'Ca 2'
EDO non-polymer 1,2-ETHANEDIOL 'C2 H6 O2'
GLC D-saccharide, alpha linking alpha-D-glucopyranose 'C6 H12 O6'
NAG D-saccharide, beta linking 2-acetamido-2-deoxy-beta-D-glucopyranose 'C8 H15 N O6'
SO4 non-polymer 'SULFATE ION' 'O4 S -2'
#
# COMPACT_ATOMS: atom_id res chain seq x y z
N ALA A 1 11.28 -0.41 13.67
CA ALA A 1 12.35 -0.72 12.73
C ALA A 1 12.63 0.50 11.87
N ALA A 2 13.86 0.61 11.41
CA ALA A 2 14.30 1.72 10.58
C ALA A 2 14.09 1.45 9.10
N ALA A 3 14.33 2.44 8.26
CA ALA A 3 14.13 2.34 6.80
C ALA A 3 14.91 1.16 6.24
N ALA A 4 16.15 0.96 6.62
CA ALA A 4 16.97 -0.14 6.07
C ALA A 4 16.27 -1.48 6.25
N ASP A 5 15.59 -1.65 7.38
CA ASP A 5 14.89 -2.89 7.74
C ASP A 5 13.57 -3.06 6.98
N TRP A 6 13.06 -2.01 6.41
CA TRP A 6 11.82 -2.03 5.59
C TRP A 6 12.09 -2.17 4.11
N LYS A 7 13.29 -1.97 3.62
CA LYS A 7 13.58 -1.90 2.17
CA LYS A 7 13.47 -1.86 2.15
C LYS A 7 13.12 -3.15 1.41
N SER A 8 13.26 -4.30 2.02
CA SER A 8 12.97 -5.59 1.33
C SER A 8 11.66 -6.20 1.84
N ARG A 9 10.82 -5.40 2.47
CA ARG A 9 9.49 -5.86 2.93
C ARG A 9 8.44 -5.71 1.84
N SER A 10 7.32 -6.41 2.06
CA SER A 10 6.15 -6.34 1.20
C SER A 10 4.93 -6.29 2.12
N ILE A 11 4.12 -5.25 1.96
CA ILE A 11 3.06 -4.92 2.94
C ILE A 11 1.70 -5.34 2.40
N TYR A 12 0.95 -6.02 3.24
CA TYR A 12 -0.48 -6.29 3.04
C TYR A 12 -1.25 -5.25 3.82
N GLN A 13 -1.98 -4.39 3.12
CA GLN A 13 -2.79 -3.33 3.73
C GLN A 13 -4.18 -3.83 3.98
N LEU A 14 -4.64 -3.83 5.21
CA LEU A 14 -6.00 -4.28 5.51
C LEU A 14 -6.76 -3.19 6.24
N VAL A 15 -8.08 -3.27 6.13
CA VAL A 15 -9.03 -2.43 6.87
C VAL A 15 -9.53 -3.32 7.99
N THR A 16 -9.22 -2.98 9.25
CA THR A 16 -9.44 -3.89 10.38
C THR A 16 -10.90 -4.32 10.49
N ASP A 17 -11.82 -3.40 10.33
CA ASP A 17 -13.24 -3.76 10.46
C ASP A 17 -13.71 -4.77 9.37
N ARG A 18 -12.92 -4.94 8.32
CA ARG A 18 -13.34 -5.68 7.10
C ARG A 18 -12.49 -6.89 6.84
N PHE A 19 -11.48 -7.22 7.63
CA PHE A 19 -10.57 -8.32 7.31
C PHE A 19 -11.09 -9.65 7.82
N GLY A 20 -11.35 -9.76 9.10
CA GLY A 20 -11.64 -11.06 9.71
C GLY A 20 -12.44 -10.89 10.97
N ARG A 21 -13.23 -11.90 11.28
CA ARG A 21 -14.09 -11.96 12.46
C ARG A 21 -13.58 -13.13 13.32
N SER A 22 -13.61 -12.98 14.60
CA SER A 22 -13.22 -14.05 15.53
C SER A 22 -14.32 -15.11 15.65
N ASP A 23 -15.56 -14.83 15.24
CA ASP A 23 -16.69 -15.79 15.40
C ASP A 23 -16.82 -16.71 14.20
N GLY A 24 -15.96 -16.55 13.19
CA GLY A 24 -15.90 -17.43 12.03
C GLY A 24 -17.13 -17.35 11.11
N SER A 25 -18.00 -16.33 11.22
CA SER A 25 -19.07 -16.15 10.24
C SER A 25 -18.44 -15.81 8.89
N THR A 26 -19.08 -16.30 7.83
CA THR A 26 -18.78 -15.91 6.44
C THR A 26 -19.84 -15.00 5.90
N SER A 27 -20.77 -14.56 6.72
CA SER A 27 -21.96 -13.85 6.24
CA SER A 27 -21.99 -13.84 6.30
C SER A 27 -21.62 -12.44 5.81
N ALA A 28 -22.35 -11.96 4.81
CA ALA A 28 -22.20 -10.60 4.29
C ALA A 28 -22.56 -9.54 5.29
N CYS A 29 -21.98 -8.38 5.12
CA CYS A 29 -22.33 -7.18 5.87
C CYS A 29 -23.31 -6.36 5.03
N GLY A 30 -24.42 -5.97 5.60
CA GLY A 30 -25.47 -5.24 4.87
C GLY A 30 -25.27 -3.74 4.76
N ASP A 31 -24.28 -3.15 5.44
CA ASP A 31 -24.06 -1.70 5.40
C ASP A 31 -22.55 -1.45 5.47
N LEU A 32 -21.96 -1.20 4.30
CA LEU A 32 -20.49 -0.97 4.26
C LEU A 32 -20.11 0.41 4.78
N SER A 33 -21.08 1.25 5.14
N SER A 33 -21.08 1.23 5.15
CA SER A 33 -20.80 2.57 5.75
CA SER A 33 -20.79 2.56 5.73
C SER A 33 -20.75 2.52 7.28
C SER A 33 -20.78 2.53 7.26
N ASN A 34 -21.00 1.37 7.88
CA ASN A 34 -20.97 1.25 9.36
C ASN A 34 -20.18 0.02 9.73
N TYR A 35 -19.94 -0.19 11.02
CA TYR A 35 -19.12 -1.31 11.46
C TYR A 35 -19.73 -2.63 10.92
N CYS A 36 -18.84 -3.47 10.40
CA CYS A 36 -19.15 -4.83 9.95
C CYS A 36 -18.63 -5.88 10.90
N GLY A 37 -17.76 -5.54 11.84
CA GLY A 37 -17.41 -6.45 12.92
C GLY A 37 -16.02 -7.04 12.93
N GLY A 38 -15.17 -6.63 12.03
CA GLY A 38 -13.80 -7.18 12.02
C GLY A 38 -13.03 -6.87 13.28
N ASP A 39 -12.12 -7.74 13.63
CA ASP A 39 -11.35 -7.56 14.88
C ASP A 39 -9.96 -8.15 14.78
N TYR A 40 -9.13 -7.91 15.79
N TYR A 40 -9.15 -7.90 15.80
CA TYR A 40 -7.72 -8.30 15.75
CA TYR A 40 -7.73 -8.26 15.77
C TYR A 40 -7.56 -9.80 15.69
C TYR A 40 -7.52 -9.77 15.76
N LYS A 41 -8.30 -10.53 16.52
CA LYS A 41 -8.17 -12.00 16.50
CA LYS A 41 -8.15 -12.00 16.47
C LYS A 41 -8.54 -12.55 15.09
N GLY A 42 -9.47 -11.87 14.43
CA GLY A 42 -9.79 -12.24 13.05
C GLY A 42 -8.60 -12.12 12.11
N ILE A 43 -7.73 -11.16 12.34
CA ILE A 43 -6.46 -11.04 11.58
C ILE A 43 -5.52 -12.12 12.04
N GLN A 44 -5.32 -12.24 13.35
CA GLN A 44 -4.32 -13.18 13.87
C GLN A 44 -4.60 -14.60 13.33
N ASN A 45 -5.89 -14.96 13.29
CA ASN A 45 -6.31 -16.29 12.82
C ASN A 45 -5.91 -16.55 11.35
N GLN A 46 -5.62 -15.52 10.58
CA GLN A 46 -5.31 -15.64 9.16
C GLN A 46 -3.88 -15.16 8.85
N LEU A 47 -2.97 -15.12 9.82
CA LEU A 47 -1.60 -14.74 9.46
C LEU A 47 -0.98 -15.73 8.49
N ASP A 48 -1.31 -17.01 8.56
CA ASP A 48 -0.76 -17.98 7.58
C ASP A 48 -1.26 -17.66 6.16
N TYR A 49 -2.50 -17.26 6.06
CA TYR A 49 -3.10 -16.87 4.75
C TYR A 49 -2.34 -15.67 4.20
N ILE A 50 -2.06 -14.67 5.02
CA ILE A 50 -1.35 -13.46 4.55
C ILE A 50 0.10 -13.83 4.20
N ALA A 51 0.81 -14.49 5.10
CA ALA A 51 2.22 -14.85 4.89
C ALA A 51 2.38 -15.80 3.69
N GLY A 52 1.37 -16.62 3.43
CA GLY A 52 1.47 -17.60 2.33
C GLY A 52 1.55 -16.95 0.95
N MET A 53 1.11 -15.68 0.86
CA MET A 53 1.26 -14.91 -0.38
C MET A 53 2.61 -14.19 -0.42
N GLY A 54 3.45 -14.34 0.61
CA GLY A 54 4.78 -13.69 0.63
C GLY A 54 4.84 -12.38 1.41
N PHE A 55 3.73 -11.90 1.93
CA PHE A 55 3.77 -10.65 2.69
C PHE A 55 4.50 -10.89 4.01
N ASP A 56 5.34 -9.90 4.36
CA ASP A 56 6.11 -9.94 5.62
C ASP A 56 5.84 -8.69 6.41
N ALA A 57 4.76 -8.01 6.15
CA ALA A 57 4.32 -6.85 6.95
C ALA A 57 2.86 -6.63 6.71
N ILE A 58 2.15 -6.15 7.70
CA ILE A 58 0.74 -5.74 7.56
CA ILE A 58 0.72 -5.77 7.61
C ILE A 58 0.59 -4.30 8.00
N TRP A 59 -0.25 -3.56 7.33
CA TRP A 59 -0.66 -2.19 7.67
C TRP A 59 -2.09 -2.31 8.12
N ILE A 60 -2.37 -1.90 9.36
CA ILE A 60 -3.71 -2.01 9.97
C ILE A 60 -4.31 -0.62 10.12
N SER A 61 -5.63 -0.55 10.33
CA SER A 61 -6.37 0.69 10.51
C SER A 61 -5.88 1.44 11.77
N PRO A 62 -6.09 2.76 11.83
CA PRO A 62 -5.82 3.43 13.08
C PRO A 62 -6.60 2.78 14.22
N ILE A 63 -6.02 2.82 15.42
CA ILE A 63 -6.50 2.08 16.60
C ILE A 63 -7.34 2.86 17.60
N PRO A 64 -7.43 4.19 17.66
CA PRO A 64 -8.10 4.79 18.80
C PRO A 64 -9.61 4.78 18.72
N GLU A 65 -10.24 5.00 19.86
CA GLU A 65 -11.66 5.25 19.96
C GLU A 65 -12.05 6.29 18.92
N ASN A 66 -13.10 5.99 18.16
CA ASN A 66 -13.60 6.87 17.10
C ASN A 66 -14.98 7.42 17.47
N THR A 67 -15.38 8.48 16.76
CA THR A 67 -16.77 8.97 16.79
C THR A 67 -17.68 7.98 16.06
N ASP A 68 -18.98 8.22 16.17
CA ASP A 68 -19.97 7.30 15.58
C ASP A 68 -19.70 7.03 14.10
N GLY A 69 -19.75 5.77 13.72
CA GLY A 69 -19.59 5.42 12.32
C GLY A 69 -18.16 5.31 11.85
N GLY A 70 -17.17 5.54 12.73
CA GLY A 70 -15.75 5.57 12.32
C GLY A 70 -15.14 4.20 12.19
N TYR A 71 -15.76 3.35 11.33
CA TYR A 71 -15.31 1.95 11.24
C TYR A 71 -13.90 1.83 10.73
N HIS A 72 -13.48 2.84 9.95
CA HIS A 72 -12.17 2.92 9.30
C HIS A 72 -11.08 3.46 10.25
N GLY A 73 -11.47 3.97 11.40
CA GLY A 73 -10.50 4.45 12.38
C GLY A 73 -10.04 5.88 12.25
N TYR A 74 -10.41 6.57 11.17
CA TYR A 74 -9.82 7.88 10.86
C TYR A 74 -10.51 9.05 11.57
N TRP A 75 -11.49 8.76 12.42
CA TRP A 75 -12.32 9.76 13.12
C TRP A 75 -12.08 9.68 14.62
N ALA A 76 -10.87 9.94 15.06
CA ALA A 76 -10.55 9.76 16.49
C ALA A 76 -11.39 10.68 17.39
N LYS A 77 -11.72 10.13 18.54
CA LYS A 77 -12.41 10.86 19.61
C LYS A 77 -11.39 11.09 20.74
N ASP A 78 -11.12 10.06 21.56
CA ASP A 78 -10.03 10.01 22.52
C ASP A 78 -8.93 9.12 21.95
N PHE A 79 -7.81 9.74 21.59
CA PHE A 79 -6.67 9.11 20.99
C PHE A 79 -6.05 8.10 21.92
N GLU A 80 -6.25 8.24 23.24
CA GLU A 80 -5.57 7.41 24.21
C GLU A 80 -6.39 6.19 24.62
N LYS A 81 -7.59 6.07 24.13
CA LYS A 81 -8.47 4.90 24.34
C LYS A 81 -8.45 4.08 23.06
N LEU A 82 -8.63 2.77 23.17
CA LEU A 82 -8.75 1.90 21.99
C LEU A 82 -10.17 1.88 21.44
N ASN A 83 -10.27 1.60 20.15
CA ASN A 83 -11.58 1.36 19.51
C ASN A 83 -12.06 -0.02 19.90
N THR A 84 -13.03 -0.07 20.79
CA THR A 84 -13.43 -1.37 21.36
C THR A 84 -14.00 -2.30 20.28
N ASN A 85 -14.49 -1.77 19.18
CA ASN A 85 -15.00 -2.62 18.07
C ASN A 85 -13.93 -3.61 17.63
N PHE A 86 -12.66 -3.25 17.67
CA PHE A 86 -11.60 -4.08 17.09
C PHE A 86 -11.06 -5.14 18.02
N GLY A 87 -11.38 -5.02 19.31
CA GLY A 87 -10.94 -5.97 20.31
C GLY A 87 -10.18 -5.34 21.46
N SER A 88 -9.77 -6.19 22.37
CA SER A 88 -9.08 -5.78 23.59
C SER A 88 -7.66 -5.33 23.31
N ALA A 89 -7.09 -4.63 24.33
CA ALA A 89 -5.64 -4.34 24.30
C ALA A 89 -4.84 -5.64 24.23
N ASP A 90 -5.24 -6.66 24.98
CA ASP A 90 -4.50 -7.92 24.93
C ASP A 90 -4.59 -8.54 23.51
N ASP A 91 -5.72 -8.40 22.82
CA ASP A 91 -5.84 -8.95 21.46
C ASP A 91 -4.93 -8.19 20.51
N LEU A 92 -4.78 -6.87 20.66
CA LEU A 92 -3.86 -6.14 19.76
C LEU A 92 -2.42 -6.58 20.04
N LYS A 93 -2.03 -6.67 21.33
CA LYS A 93 -0.68 -7.15 21.63
C LYS A 93 -0.43 -8.57 21.11
N ALA A 94 -1.45 -9.42 21.24
CA ALA A 94 -1.31 -10.80 20.77
C ALA A 94 -1.15 -10.87 19.26
N LEU A 95 -1.82 -10.01 18.51
CA LEU A 95 -1.66 -9.98 17.04
C LEU A 95 -0.23 -9.58 16.70
N VAL A 96 0.28 -8.53 17.35
CA VAL A 96 1.64 -8.07 17.04
C VAL A 96 2.64 -9.17 17.41
N THR A 97 2.48 -9.77 18.60
CA THR A 97 3.40 -10.83 19.04
C THR A 97 3.38 -11.98 18.03
N ALA A 98 2.20 -12.38 17.58
CA ALA A 98 2.08 -13.49 16.62
C ALA A 98 2.74 -13.13 15.27
N ALA A 99 2.51 -11.92 14.80
CA ALA A 99 3.14 -11.44 13.55
C ALA A 99 4.66 -11.51 13.72
N HIS A 100 5.17 -10.93 14.83
CA HIS A 100 6.63 -10.97 15.07
C HIS A 100 7.16 -12.39 15.11
N GLY A 101 6.41 -13.30 15.70
CA GLY A 101 6.85 -14.72 15.78
C GLY A 101 6.97 -15.37 14.39
N LYS A 102 6.26 -14.82 13.41
CA LYS A 102 6.34 -15.25 11.99
CA LYS A 102 6.34 -15.23 11.99
C LYS A 102 7.35 -14.38 11.20
N GLY A 103 8.11 -13.51 11.85
CA GLY A 103 9.07 -12.66 11.15
C GLY A 103 8.40 -11.52 10.40
N MET A 104 7.15 -11.19 10.75
CA MET A 104 6.38 -10.13 10.06
C MET A 104 6.39 -8.84 10.88
N TYR A 105 6.33 -7.75 10.19
CA TYR A 105 6.17 -6.41 10.80
C TYR A 105 4.71 -6.00 10.86
N VAL A 106 4.39 -5.10 11.79
CA VAL A 106 3.09 -4.48 11.86
C VAL A 106 3.27 -2.96 11.77
N MET A 107 2.59 -2.36 10.80
CA MET A 107 2.57 -0.92 10.56
C MET A 107 1.26 -0.35 11.00
N LEU A 108 1.31 0.66 11.86
CA LEU A 108 0.12 1.32 12.38
C LEU A 108 -0.20 2.57 11.59
N ASP A 109 -1.43 2.71 11.13
CA ASP A 109 -1.95 3.94 10.51
C ASP A 109 -2.24 4.95 11.61
N VAL A 110 -1.76 6.17 11.44
CA VAL A 110 -1.88 7.22 12.47
C VAL A 110 -2.39 8.51 11.87
N VAL A 111 -3.24 9.19 12.63
CA VAL A 111 -3.74 10.52 12.28
C VAL A 111 -3.27 11.52 13.37
N ALA A 112 -2.66 12.60 12.93
CA ALA A 112 -2.32 13.75 13.79
C ALA A 112 -3.14 15.00 13.44
N ASN A 113 -3.75 15.04 12.21
CA ASN A 113 -4.34 16.24 11.67
C ASN A 113 -5.66 16.62 12.30
N HIS A 114 -6.49 15.62 12.59
CA HIS A 114 -7.90 15.89 12.89
C HIS A 114 -8.49 14.86 13.82
N ALA A 115 -9.57 15.27 14.45
CA ALA A 115 -10.52 14.36 15.14
C ALA A 115 -11.67 13.98 14.24
N GLY A 116 -12.51 13.09 14.71
CA GLY A 116 -13.77 12.84 14.05
C GLY A 116 -14.76 13.94 14.27
N PRO A 117 -15.86 13.94 13.51
CA PRO A 117 -16.87 14.97 13.61
C PRO A 117 -17.45 15.05 15.03
N ALA A 118 -17.67 16.26 15.53
CA ALA A 118 -18.27 16.50 16.85
C ALA A 118 -19.69 17.02 16.65
N SER A 119 -20.68 16.33 17.24
CA SER A 119 -22.12 16.69 17.20
C SER A 119 -22.25 18.07 17.84
N GLY A 120 -22.66 19.07 17.05
CA GLY A 120 -22.98 20.42 17.56
C GLY A 120 -21.84 21.05 18.34
N GLY A 121 -20.60 20.71 17.99
CA GLY A 121 -19.41 21.30 18.62
C GLY A 121 -19.20 20.83 20.05
N ASP A 122 -19.77 19.68 20.41
CA ASP A 122 -19.57 19.11 21.75
C ASP A 122 -18.33 18.21 21.77
N TYR A 123 -17.24 18.73 22.32
CA TYR A 123 -15.95 18.03 22.36
C TYR A 123 -15.73 17.30 23.70
N SER A 124 -16.91 16.97 24.28
N SER A 124 -16.66 17.17 24.64
CA SER A 124 -17.07 15.96 25.34
CA SER A 124 -16.28 16.88 26.06
C SER A 124 -16.47 14.69 24.87
C SER A 124 -15.48 15.53 26.33
N GLY A 125 -15.73 14.28 25.77
CA GLY A 125 -15.00 13.02 25.54
C GLY A 125 -13.99 12.99 24.47
N PHE A 126 -13.50 14.10 23.97
CA PHE A 126 -12.40 14.13 22.99
C PHE A 126 -11.08 14.45 23.68
N THR A 127 -9.98 13.92 23.16
CA THR A 127 -8.65 14.24 23.68
C THR A 127 -8.47 15.75 23.71
N PHE A 128 -8.79 16.42 22.63
CA PHE A 128 -8.75 17.87 22.53
C PHE A 128 -10.17 18.34 22.79
N SER A 129 -10.47 18.72 24.03
CA SER A 129 -11.85 18.81 24.53
C SER A 129 -12.41 20.23 24.55
N SER A 130 -11.76 21.17 23.90
N SER A 130 -11.71 21.14 23.91
CA SER A 130 -12.39 22.49 23.76
CA SER A 130 -12.14 22.55 23.71
C SER A 130 -12.16 23.03 22.36
C SER A 130 -12.20 22.90 22.23
N ALA A 131 -13.19 23.69 21.80
CA ALA A 131 -13.19 24.21 20.43
C ALA A 131 -11.89 25.02 20.20
N SER A 132 -11.32 25.66 21.26
CA SER A 132 -10.11 26.48 21.04
C SER A 132 -8.91 25.62 20.62
N ASN A 133 -8.96 24.31 20.83
CA ASN A 133 -7.89 23.38 20.42
C ASN A 133 -7.87 23.09 18.93
N TYR A 134 -8.83 23.62 18.21
CA TYR A 134 -8.97 23.32 16.76
C TYR A 134 -8.93 24.66 16.03
N HIS A 135 -8.40 24.63 14.83
CA HIS A 135 -8.46 25.78 13.91
C HIS A 135 -9.94 26.10 13.64
N PRO A 136 -10.28 27.36 13.36
CA PRO A 136 -11.64 27.65 12.94
C PRO A 136 -12.08 26.85 11.71
N GLN A 137 -13.32 26.39 11.75
CA GLN A 137 -13.86 25.61 10.61
C GLN A 137 -13.91 26.44 9.34
N CYS A 138 -13.44 25.85 8.24
CA CYS A 138 -13.51 26.42 6.91
C CYS A 138 -13.29 25.30 5.90
N THR A 139 -13.74 25.57 4.68
CA THR A 139 -13.57 24.64 3.56
C THR A 139 -12.18 24.83 2.93
N ILE A 140 -11.50 23.73 2.62
CA ILE A 140 -10.18 23.79 2.00
C ILE A 140 -10.31 24.30 0.56
N ASP A 141 -9.47 25.25 0.21
CA ASP A 141 -9.14 25.56 -1.19
C ASP A 141 -7.84 24.84 -1.50
N TYR A 142 -7.88 23.76 -2.27
CA TYR A 142 -6.72 22.88 -2.51
C TYR A 142 -5.66 23.59 -3.35
N ASP A 143 -5.96 24.76 -3.92
CA ASP A 143 -4.91 25.52 -4.64
C ASP A 143 -4.15 26.47 -3.71
N ASN A 144 -4.49 26.52 -2.43
CA ASN A 144 -3.85 27.39 -1.41
C ASN A 144 -3.32 26.47 -0.33
N GLN A 145 -2.00 26.31 -0.28
CA GLN A 145 -1.45 25.29 0.61
C GLN A 145 -1.73 25.64 2.08
N THR A 146 -1.76 26.92 2.42
CA THR A 146 -2.09 27.26 3.80
C THR A 146 -3.54 26.88 4.12
N SER A 147 -4.45 27.02 3.17
CA SER A 147 -5.82 26.52 3.33
C SER A 147 -5.85 25.00 3.56
N VAL A 148 -5.06 24.29 2.74
CA VAL A 148 -4.96 22.83 2.89
C VAL A 148 -4.60 22.46 4.32
N GLU A 149 -3.70 23.27 4.92
CA GLU A 149 -3.19 23.01 6.27
C GLU A 149 -4.09 23.51 7.40
N GLN A 150 -4.78 24.63 7.20
CA GLN A 150 -5.53 25.28 8.26
C GLN A 150 -7.00 24.96 8.28
N CYS A 151 -7.56 24.55 7.13
CA CYS A 151 -9.00 24.31 7.00
C CYS A 151 -9.32 22.83 7.26
N TRP A 152 -10.60 22.49 7.23
CA TRP A 152 -11.06 21.20 7.76
C TRP A 152 -11.22 20.18 6.62
N VAL A 153 -10.53 19.06 6.73
CA VAL A 153 -10.69 17.95 5.76
C VAL A 153 -12.16 17.56 5.74
N ALA A 154 -12.65 17.38 4.50
CA ALA A 154 -14.07 16.98 4.28
C ALA A 154 -15.06 18.02 4.81
N ASP A 155 -14.60 19.26 5.09
N ASP A 155 -14.58 19.20 5.17
CA ASP A 155 -15.28 20.41 5.79
CA ASP A 155 -15.43 20.30 5.68
C ASP A 155 -16.04 19.95 7.04
C ASP A 155 -15.76 20.06 7.15
N ASP A 156 -15.62 18.85 7.68
CA ASP A 156 -16.24 18.51 8.99
C ASP A 156 -15.32 17.75 9.93
N LEU A 157 -14.07 17.52 9.57
CA LEU A 157 -13.16 16.83 10.51
C LEU A 157 -12.40 17.91 11.27
N PRO A 158 -12.69 18.07 12.57
CA PRO A 158 -12.12 19.18 13.35
C PRO A 158 -10.59 19.17 13.24
N ASP A 159 -10.05 20.31 12.79
CA ASP A 159 -8.62 20.41 12.40
C ASP A 159 -7.82 20.83 13.63
N ILE A 160 -7.03 19.91 14.17
CA ILE A 160 -6.31 20.12 15.43
C ILE A 160 -5.33 21.30 15.25
N ASN A 161 -5.21 22.12 16.29
CA ASN A 161 -4.29 23.27 16.21
C ASN A 161 -2.85 22.82 16.48
N THR A 162 -2.21 22.36 15.40
CA THR A 162 -0.84 21.88 15.37
C THR A 162 0.20 23.02 15.50
N GLU A 163 -0.24 24.26 15.65
CA GLU A 163 0.72 25.34 15.89
C GLU A 163 0.81 25.70 17.37
N ASP A 164 0.13 24.99 18.24
CA ASP A 164 0.18 25.18 19.70
C ASP A 164 1.16 24.13 20.27
N ASP A 165 2.16 24.59 21.02
CA ASP A 165 3.21 23.65 21.49
C ASP A 165 2.66 22.56 22.44
N THR A 166 1.72 22.86 23.27
CA THR A 166 1.18 21.86 24.18
C THR A 166 0.50 20.74 23.36
N ILE A 167 -0.24 21.16 22.35
CA ILE A 167 -0.91 20.18 21.43
C ILE A 167 0.14 19.38 20.64
N VAL A 168 1.15 20.05 20.13
CA VAL A 168 2.23 19.33 19.44
C VAL A 168 2.82 18.24 20.35
N SER A 169 3.13 18.61 21.60
N SER A 169 3.11 18.61 21.59
CA SER A 169 3.70 17.66 22.58
CA SER A 169 3.70 17.66 22.53
C SER A 169 2.72 16.50 22.79
C SER A 169 2.73 16.51 22.79
N LYS A 170 1.44 16.80 22.88
CA LYS A 170 0.44 15.74 23.10
C LYS A 170 0.44 14.76 21.92
N LEU A 171 0.47 15.31 20.69
CA LEU A 171 0.48 14.47 19.48
C LEU A 171 1.75 13.62 19.47
N HIS A 172 2.89 14.17 19.85
CA HIS A 172 4.09 13.38 19.95
C HIS A 172 3.93 12.22 20.93
N SER A 173 3.41 12.51 22.13
CA SER A 173 3.22 11.45 23.14
C SER A 173 2.23 10.41 22.66
N ILE A 174 1.16 10.81 21.97
CA ILE A 174 0.16 9.85 21.48
C ILE A 174 0.85 8.81 20.59
N VAL A 175 1.62 9.28 19.60
CA VAL A 175 2.20 8.33 18.63
C VAL A 175 3.32 7.53 19.28
N SER A 176 4.16 8.17 20.12
CA SER A 176 5.23 7.45 20.80
C SER A 176 4.63 6.33 21.64
N ASP A 177 3.57 6.65 22.37
CA ASP A 177 3.00 5.68 23.30
C ASP A 177 2.30 4.53 22.55
N TRP A 178 1.64 4.80 21.44
CA TRP A 178 1.09 3.67 20.64
C TRP A 178 2.23 2.73 20.21
N VAL A 179 3.33 3.29 19.72
CA VAL A 179 4.43 2.48 19.17
C VAL A 179 5.05 1.67 20.29
N THR A 180 5.32 2.30 21.44
CA THR A 180 6.05 1.57 22.49
CA THR A 180 6.02 1.62 22.55
C THR A 180 5.11 0.57 23.19
N THR A 181 3.87 0.93 23.40
CA THR A 181 2.97 0.01 24.14
C THR A 181 2.74 -1.26 23.35
N TYR A 182 2.51 -1.15 22.05
CA TYR A 182 2.11 -2.30 21.20
C TYR A 182 3.25 -2.83 20.33
N ASP A 183 4.41 -2.22 20.36
CA ASP A 183 5.62 -2.70 19.65
C ASP A 183 5.42 -2.71 18.13
N PHE A 184 4.85 -1.66 17.62
CA PHE A 184 4.75 -1.48 16.17
C PHE A 184 6.10 -1.23 15.54
N ASP A 185 6.25 -1.68 14.28
CA ASP A 185 7.53 -1.61 13.57
C ASP A 185 7.67 -0.43 12.62
N GLY A 186 6.55 0.18 12.29
CA GLY A 186 6.46 1.32 11.40
C GLY A 186 5.13 1.99 11.53
N ILE A 187 5.00 3.16 10.92
CA ILE A 187 3.72 3.87 10.84
C ILE A 187 3.46 4.29 9.42
N ARG A 188 2.17 4.35 9.09
CA ARG A 188 1.67 5.02 7.89
C ARG A 188 0.95 6.27 8.37
N ILE A 189 1.37 7.42 7.90
CA ILE A 189 0.87 8.70 8.44
C ILE A 189 -0.21 9.25 7.50
N ASP A 190 -1.40 9.40 8.01
CA ASP A 190 -2.52 10.00 7.27
C ASP A 190 -2.27 11.48 7.04
N THR A 191 -2.94 12.00 6.01
CA THR A 191 -3.21 13.44 5.88
C THR A 191 -1.95 14.31 6.02
N VAL A 192 -0.86 13.89 5.41
CA VAL A 192 0.42 14.58 5.61
C VAL A 192 0.38 16.00 5.05
N LYS A 193 -0.27 16.21 3.91
CA LYS A 193 -0.28 17.53 3.28
C LYS A 193 -1.08 18.54 4.11
N HIS A 194 -1.80 18.09 5.15
CA HIS A 194 -2.75 18.94 5.88
C HIS A 194 -2.15 19.52 7.17
N ILE A 195 -0.89 19.22 7.43
CA ILE A 195 -0.12 19.91 8.52
C ILE A 195 1.13 20.50 7.90
N ARG A 196 1.50 21.71 8.34
CA ARG A 196 2.75 22.35 7.96
C ARG A 196 3.87 21.29 7.89
N LYS A 197 4.64 21.34 6.82
N LYS A 197 4.63 21.33 6.79
CA LYS A 197 5.56 20.24 6.51
CA LYS A 197 5.65 20.31 6.43
C LYS A 197 6.59 20.08 7.63
C LYS A 197 6.61 20.10 7.60
N ASP A 198 7.02 21.19 8.24
CA ASP A 198 8.10 21.13 9.25
C ASP A 198 7.64 20.42 10.53
N PHE A 199 6.35 20.17 10.73
CA PHE A 199 5.89 19.39 11.89
C PHE A 199 6.36 17.94 11.81
N TRP A 200 6.55 17.43 10.60
CA TRP A 200 6.58 15.97 10.44
C TRP A 200 7.87 15.33 10.96
N SER A 201 9.00 16.01 10.84
CA SER A 201 10.24 15.37 11.34
C SER A 201 10.13 15.12 12.87
N GLY A 202 9.60 16.09 13.63
CA GLY A 202 9.44 15.91 15.07
C GLY A 202 8.47 14.77 15.36
N TYR A 203 7.45 14.62 14.53
CA TYR A 203 6.45 13.59 14.76
C TYR A 203 7.04 12.20 14.51
N GLU A 204 7.76 12.02 13.39
CA GLU A 204 8.43 10.74 13.16
C GLU A 204 9.45 10.45 14.23
N GLU A 205 10.18 11.48 14.68
CA GLU A 205 11.16 11.26 15.77
CA GLU A 205 11.16 11.24 15.76
C GLU A 205 10.45 10.74 17.03
N ALA A 206 9.31 11.33 17.35
CA ALA A 206 8.52 10.87 18.52
C ALA A 206 8.08 9.41 18.36
N ALA A 207 7.62 9.08 17.16
CA ALA A 207 7.17 7.70 16.90
C ALA A 207 8.34 6.72 17.06
N GLY A 208 9.54 7.09 16.57
CA GLY A 208 10.73 6.26 16.78
C GLY A 208 10.84 5.09 15.82
N VAL A 209 10.02 5.07 14.76
CA VAL A 209 10.03 3.99 13.77
C VAL A 209 9.88 4.63 12.39
N PHE A 210 10.23 3.83 11.37
CA PHE A 210 10.02 4.18 9.98
C PHE A 210 8.58 4.65 9.74
N ALA A 211 8.45 5.73 9.00
CA ALA A 211 7.15 6.29 8.62
C ALA A 211 7.05 6.41 7.11
N THR A 212 5.88 6.01 6.59
CA THR A 212 5.51 6.29 5.20
C THR A 212 4.31 7.23 5.22
N GLY A 213 4.47 8.42 4.65
CA GLY A 213 3.43 9.44 4.73
C GLY A 213 2.49 9.49 3.54
N GLU A 214 1.23 9.74 3.81
CA GLU A 214 0.20 9.89 2.75
C GLU A 214 0.14 11.38 2.36
N VAL A 215 0.73 11.70 1.22
CA VAL A 215 0.52 12.99 0.54
C VAL A 215 -0.28 12.65 -0.71
N PHE A 216 -1.57 12.88 -0.66
CA PHE A 216 -2.47 12.46 -1.76
C PHE A 216 -2.35 13.49 -2.88
N ASP A 217 -1.43 13.23 -3.81
CA ASP A 217 -1.12 14.21 -4.86
C ASP A 217 -0.32 13.49 -5.92
N GLY A 218 -0.65 13.74 -7.18
CA GLY A 218 0.10 13.11 -8.28
C GLY A 218 1.37 13.85 -8.69
N ASP A 219 1.61 15.04 -8.17
CA ASP A 219 2.75 15.87 -8.62
C ASP A 219 3.97 15.53 -7.79
N ALA A 220 4.96 14.88 -8.35
CA ALA A 220 6.20 14.51 -7.62
C ALA A 220 6.94 15.74 -7.09
N ALA A 221 6.85 16.88 -7.77
CA ALA A 221 7.56 18.08 -7.28
C ALA A 221 6.88 18.63 -6.03
N TYR A 222 5.64 18.30 -5.78
CA TYR A 222 4.90 18.66 -4.55
C TYR A 222 5.12 17.61 -3.46
N VAL A 223 5.05 16.34 -3.84
CA VAL A 223 5.24 15.25 -2.87
C VAL A 223 6.69 15.12 -2.40
N GLY A 224 7.62 15.15 -3.33
CA GLY A 224 9.02 14.85 -3.07
C GLY A 224 9.62 15.62 -1.89
N PRO A 225 9.36 16.94 -1.75
CA PRO A 225 9.94 17.68 -0.63
C PRO A 225 9.55 17.11 0.72
N TYR A 226 8.42 16.44 0.84
CA TYR A 226 8.08 15.87 2.14
C TYR A 226 9.07 14.79 2.59
N GLN A 227 9.86 14.21 1.71
CA GLN A 227 10.83 13.20 2.12
C GLN A 227 12.01 13.87 2.82
N ASP A 228 12.09 15.20 2.83
CA ASP A 228 13.07 15.88 3.71
C ASP A 228 12.68 15.73 5.19
N GLN A 229 11.40 15.50 5.47
CA GLN A 229 10.82 15.38 6.82
C GLN A 229 10.52 13.94 7.21
N LEU A 230 10.05 13.13 6.29
CA LEU A 230 9.61 11.76 6.58
C LEU A 230 10.46 10.75 5.81
N SER A 231 10.67 9.58 6.37
CA SER A 231 11.52 8.59 5.70
C SER A 231 10.99 8.23 4.31
N SER A 232 9.67 8.11 4.21
CA SER A 232 9.02 7.56 3.02
C SER A 232 7.72 8.29 2.76
N LEU A 233 7.26 8.26 1.52
CA LEU A 233 5.92 8.70 1.16
C LEU A 233 5.27 7.57 0.34
N ILE A 234 3.96 7.56 0.45
CA ILE A 234 3.06 6.73 -0.40
CA ILE A 234 3.15 6.69 -0.42
C ILE A 234 3.24 7.20 -1.84
N ASN A 235 3.51 6.28 -2.78
CA ASN A 235 3.92 6.72 -4.13
C ASN A 235 2.69 7.02 -4.99
N TYR A 236 1.97 8.08 -4.66
CA TYR A 236 0.88 8.59 -5.47
C TYR A 236 1.35 9.00 -6.85
N PRO A 237 2.52 9.62 -7.03
CA PRO A 237 2.91 9.97 -8.39
C PRO A 237 2.98 8.74 -9.30
N LEU A 238 3.59 7.65 -8.80
CA LEU A 238 3.68 6.44 -9.65
C LEU A 238 2.32 5.79 -9.81
N TYR A 239 1.45 5.85 -8.83
CA TYR A 239 0.11 5.24 -8.90
C TYR A 239 -0.59 5.69 -10.16
N TYR A 240 -0.62 6.98 -10.46
CA TYR A 240 -1.35 7.45 -11.64
C TYR A 240 -0.73 6.92 -12.92
N ALA A 241 0.57 6.81 -12.97
CA ALA A 241 1.23 6.24 -14.16
C ALA A 241 0.86 4.75 -14.34
N ILE A 242 0.87 4.01 -13.25
CA ILE A 242 0.50 2.58 -13.28
C ILE A 242 -0.92 2.47 -13.77
N ARG A 243 -1.85 3.22 -13.22
CA ARG A 243 -3.25 3.16 -13.69
C ARG A 243 -3.35 3.60 -15.13
N ASP A 244 -2.65 4.62 -15.55
CA ASP A 244 -2.76 5.07 -16.96
C ASP A 244 -2.29 3.97 -17.90
N VAL A 245 -1.19 3.35 -17.63
CA VAL A 245 -0.62 2.33 -18.53
C VAL A 245 -1.51 1.09 -18.54
N PHE A 246 -1.89 0.57 -17.38
CA PHE A 246 -2.51 -0.77 -17.32
C PHE A 246 -4.04 -0.70 -17.36
N SER A 247 -4.67 0.37 -16.91
CA SER A 247 -6.13 0.47 -16.97
C SER A 247 -6.60 1.38 -18.09
N ALA A 248 -5.75 2.21 -18.68
CA ALA A 248 -6.16 3.18 -19.73
C ALA A 248 -5.25 3.11 -20.96
N GLY A 249 -4.43 2.09 -21.07
CA GLY A 249 -3.66 1.86 -22.31
C GLY A 249 -2.62 2.90 -22.65
N SER A 250 -2.15 3.70 -21.71
CA SER A 250 -1.02 4.60 -22.01
C SER A 250 0.19 3.78 -22.38
N GLY A 251 1.07 4.32 -23.24
CA GLY A 251 2.33 3.68 -23.58
C GLY A 251 3.28 3.68 -22.36
N PHE A 252 4.25 2.80 -22.37
CA PHE A 252 5.13 2.66 -21.20
C PHE A 252 6.09 3.81 -21.04
N SER A 253 6.22 4.72 -21.97
CA SER A 253 6.95 5.97 -21.72
C SER A 253 6.28 6.72 -20.55
N ARG A 254 4.98 6.53 -20.30
CA ARG A 254 4.32 7.18 -19.15
C ARG A 254 5.01 6.71 -17.86
N ILE A 255 5.29 5.43 -17.75
CA ILE A 255 5.97 4.89 -16.57
C ILE A 255 7.46 5.26 -16.58
N SER A 256 8.17 5.15 -17.68
CA SER A 256 9.60 5.53 -17.74
CA SER A 256 9.61 5.50 -17.65
C SER A 256 9.77 7.01 -17.34
N ASP A 257 8.93 7.86 -17.90
CA ASP A 257 9.00 9.31 -17.58
C ASP A 257 8.70 9.53 -16.10
N MET A 258 7.72 8.83 -15.56
CA MET A 258 7.40 9.03 -14.13
C MET A 258 8.53 8.52 -13.24
N LEU A 259 9.16 7.40 -13.58
CA LEU A 259 10.30 6.92 -12.78
C LEU A 259 11.41 7.98 -12.79
N SER A 260 11.66 8.64 -13.91
CA SER A 260 12.66 9.69 -13.98
C SER A 260 12.23 10.86 -13.08
N THR A 261 10.98 11.27 -13.16
CA THR A 261 10.45 12.38 -12.34
C THR A 261 10.62 12.02 -10.86
N ILE A 262 10.35 10.80 -10.47
CA ILE A 262 10.55 10.41 -9.04
C ILE A 262 12.02 10.53 -8.64
N LYS A 263 12.92 10.05 -9.48
CA LYS A 263 14.36 10.16 -9.16
C LYS A 263 14.75 11.62 -9.01
N SER A 264 14.18 12.51 -9.79
CA SER A 264 14.53 13.92 -9.78
C SER A 264 14.03 14.61 -8.52
N ASN A 265 12.96 14.11 -7.93
CA ASN A 265 12.18 14.85 -6.90
C ASN A 265 12.23 14.20 -5.51
N PHE A 266 12.69 12.97 -5.35
CA PHE A 266 12.72 12.28 -4.05
C PHE A 266 14.15 11.86 -3.72
N LYS A 267 14.57 12.22 -2.50
CA LYS A 267 15.94 11.87 -2.11
C LYS A 267 16.15 10.35 -2.06
N ASP A 268 15.11 9.54 -1.84
CA ASP A 268 15.33 8.07 -1.75
C ASP A 268 14.12 7.34 -2.31
N PRO A 269 14.10 7.13 -3.65
CA PRO A 269 12.99 6.36 -4.23
C PRO A 269 12.85 4.96 -3.68
N SER A 270 13.92 4.37 -3.16
CA SER A 270 13.91 2.93 -2.82
C SER A 270 12.98 2.62 -1.64
N VAL A 271 12.59 3.63 -0.86
CA VAL A 271 11.72 3.39 0.32
C VAL A 271 10.31 3.92 0.12
N LEU A 272 9.99 4.50 -1.05
CA LEU A 272 8.63 4.94 -1.31
C LEU A 272 7.72 3.71 -1.42
N THR A 273 6.51 3.81 -0.92
CA THR A 273 5.56 2.68 -0.93
C THR A 273 4.74 2.64 -2.22
N THR A 274 4.92 1.54 -2.97
CA THR A 274 4.29 1.39 -4.29
C THR A 274 2.93 0.73 -4.14
N PHE A 275 1.94 1.24 -4.85
CA PHE A 275 0.59 0.62 -4.77
C PHE A 275 -0.18 0.83 -6.09
N VAL A 276 -1.15 -0.05 -6.29
CA VAL A 276 -2.10 0.09 -7.40
C VAL A 276 -3.54 0.14 -6.89
N ASP A 277 -3.77 -0.09 -5.59
CA ASP A 277 -5.11 0.01 -5.00
C ASP A 277 -4.96 0.52 -3.55
N ASN A 278 -6.01 1.17 -3.08
CA ASN A 278 -6.17 1.48 -1.65
C ASN A 278 -7.63 1.82 -1.38
N GLN A 279 -7.86 2.21 -0.13
CA GLN A 279 -9.19 2.44 0.40
C GLN A 279 -9.85 3.72 -0.10
N ASP A 280 -9.08 4.56 -0.81
CA ASP A 280 -9.59 5.85 -1.28
C ASP A 280 -9.76 5.89 -2.79
N ASN A 281 -9.59 4.76 -3.47
CA ASN A 281 -9.67 4.71 -4.93
C ASN A 281 -10.48 3.48 -5.30
N ALA A 282 -11.29 3.61 -6.33
CA ALA A 282 -12.05 2.44 -6.83
C ALA A 282 -11.05 1.35 -7.18
N ARG A 283 -11.38 0.11 -6.88
CA ARG A 283 -10.47 -1.00 -7.15
C ARG A 283 -10.19 -1.11 -8.66
N PHE A 284 -9.01 -1.56 -8.98
CA PHE A 284 -8.60 -1.64 -10.40
C PHE A 284 -9.66 -2.34 -11.28
N LEU A 285 -10.16 -3.49 -10.83
CA LEU A 285 -11.09 -4.27 -11.67
C LEU A 285 -12.43 -3.57 -11.85
N SER A 286 -12.78 -2.56 -11.06
CA SER A 286 -13.96 -1.70 -11.33
C SER A 286 -13.72 -0.76 -12.51
N VAL A 287 -12.47 -0.46 -12.77
CA VAL A 287 -12.08 0.46 -13.86
C VAL A 287 -11.84 -0.30 -15.17
N LYS A 288 -11.08 -1.37 -15.08
CA LYS A 288 -10.75 -2.17 -16.29
C LYS A 288 -10.86 -3.62 -15.84
N SER A 289 -11.92 -4.25 -16.33
N SER A 289 -11.85 -4.42 -16.27
CA SER A 289 -12.23 -5.65 -16.01
CA SER A 289 -12.09 -5.78 -15.67
C SER A 289 -11.41 -6.60 -16.90
C SER A 289 -11.23 -6.90 -16.28
N ASP A 290 -10.09 -6.54 -16.81
CA ASP A 290 -9.21 -7.40 -17.60
C ASP A 290 -8.18 -7.94 -16.62
N MET A 291 -8.25 -9.24 -16.34
CA MET A 291 -7.39 -9.89 -15.33
CA MET A 291 -7.39 -9.88 -15.35
C MET A 291 -5.94 -9.89 -15.79
N SER A 292 -5.69 -10.01 -17.08
CA SER A 292 -4.30 -9.99 -17.57
C SER A 292 -3.69 -8.60 -17.34
N LEU A 293 -4.43 -7.57 -17.65
CA LEU A 293 -3.91 -6.23 -17.39
C LEU A 293 -3.68 -6.01 -15.89
N TYR A 294 -4.58 -6.48 -15.07
CA TYR A 294 -4.39 -6.35 -13.62
C TYR A 294 -3.15 -7.12 -13.18
N LYS A 295 -2.96 -8.34 -13.64
CA LYS A 295 -1.78 -9.11 -13.27
C LYS A 295 -0.50 -8.40 -13.67
N ASN A 296 -0.48 -7.82 -14.84
CA ASN A 296 0.69 -7.02 -15.24
C ASN A 296 0.92 -5.85 -14.28
N ALA A 297 -0.14 -5.13 -13.97
CA ALA A 297 -0.05 -4.00 -13.02
C ALA A 297 0.48 -4.47 -11.68
N LEU A 298 0.01 -5.59 -11.20
CA LEU A 298 0.45 -6.14 -9.90
C LEU A 298 1.90 -6.60 -9.97
N ALA A 299 2.31 -7.26 -11.05
CA ALA A 299 3.71 -7.66 -11.16
C ALA A 299 4.63 -6.42 -11.09
N PHE A 300 4.28 -5.38 -11.84
CA PHE A 300 5.03 -4.13 -11.83
C PHE A 300 5.05 -3.55 -10.42
N THR A 301 3.89 -3.43 -9.82
CA THR A 301 3.75 -2.77 -8.48
C THR A 301 4.61 -3.51 -7.47
N ILE A 302 4.55 -4.84 -7.45
CA ILE A 302 5.19 -5.61 -6.41
C ILE A 302 6.70 -5.59 -6.62
N LEU A 303 7.20 -5.64 -7.86
CA LEU A 303 8.62 -5.89 -8.10
C LEU A 303 9.42 -4.64 -8.49
N THR A 304 8.77 -3.56 -8.85
CA THR A 304 9.52 -2.31 -9.16
C THR A 304 10.22 -1.76 -7.92
N GLU A 305 11.11 -0.80 -8.12
CA GLU A 305 11.77 -0.11 -7.01
C GLU A 305 10.74 0.43 -6.02
N GLY A 306 11.08 0.30 -4.74
CA GLY A 306 10.21 0.76 -3.67
C GLY A 306 9.90 -0.37 -2.71
N ILE A 307 8.91 -0.11 -1.87
CA ILE A 307 8.39 -1.08 -0.91
C ILE A 307 6.93 -1.29 -1.30
N PRO A 308 6.55 -2.49 -1.80
CA PRO A 308 5.21 -2.65 -2.30
C PRO A 308 4.14 -2.80 -1.22
N VAL A 309 2.94 -2.36 -1.59
CA VAL A 309 1.72 -2.52 -0.79
C VAL A 309 0.67 -3.12 -1.69
N VAL A 310 0.01 -4.17 -1.20
CA VAL A 310 -1.16 -4.76 -1.85
C VAL A 310 -2.35 -4.58 -0.94
N TYR A 311 -3.45 -4.09 -1.50
CA TYR A 311 -4.67 -3.81 -0.75
C TYR A 311 -5.47 -5.10 -0.54
N TYR A 312 -5.88 -5.37 0.69
CA TYR A 312 -6.58 -6.61 1.04
C TYR A 312 -7.75 -6.82 0.07
N GLY A 313 -7.93 -8.11 -0.25
CA GLY A 313 -9.02 -8.47 -1.15
C GLY A 313 -8.60 -8.45 -2.60
N THR A 314 -7.51 -7.85 -2.96
CA THR A 314 -6.96 -7.99 -4.33
C THR A 314 -6.87 -9.47 -4.69
N GLU A 315 -6.40 -10.26 -3.76
CA GLU A 315 -6.10 -11.67 -4.00
C GLU A 315 -7.37 -12.51 -4.13
N GLN A 316 -8.54 -11.95 -3.83
CA GLN A 316 -9.82 -12.63 -4.10
C GLN A 316 -10.56 -11.98 -5.25
N GLY A 317 -9.91 -11.12 -6.02
CA GLY A 317 -10.56 -10.49 -7.20
C GLY A 317 -11.60 -9.47 -6.82
N PHE A 318 -11.48 -8.85 -5.66
CA PHE A 318 -12.45 -7.84 -5.29
C PHE A 318 -12.39 -6.68 -6.31
N LYS A 319 -13.55 -6.09 -6.51
CA LYS A 319 -13.78 -5.19 -7.64
C LYS A 319 -14.70 -4.04 -7.29
N GLY A 320 -14.86 -3.71 -6.02
CA GLY A 320 -15.72 -2.61 -5.63
C GLY A 320 -15.20 -1.28 -6.07
N GLY A 321 -16.14 -0.38 -6.28
CA GLY A 321 -15.88 0.98 -6.74
C GLY A 321 -15.61 1.96 -5.57
N ASP A 322 -16.13 3.15 -5.69
CA ASP A 322 -15.78 4.21 -4.75
C ASP A 322 -16.27 3.89 -3.35
N ASP A 323 -15.48 4.37 -2.39
CA ASP A 323 -15.73 4.32 -0.92
C ASP A 323 -17.23 4.56 -0.67
N PRO A 324 -17.96 3.64 0.00
CA PRO A 324 -17.41 2.54 0.76
C PRO A 324 -17.33 1.19 0.04
N LYS A 325 -17.59 1.19 -1.26
CA LYS A 325 -17.73 -0.08 -1.99
C LYS A 325 -16.43 -0.82 -2.17
N ASN A 326 -15.30 -0.12 -1.96
CA ASN A 326 -13.95 -0.71 -2.00
C ASN A 326 -13.47 -1.15 -0.60
N ARG A 327 -14.37 -1.12 0.40
CA ARG A 327 -14.04 -1.66 1.74
C ARG A 327 -14.92 -2.89 1.99
N GLU A 328 -14.97 -3.80 1.00
CA GLU A 328 -15.72 -5.05 1.15
C GLU A 328 -15.19 -5.89 2.32
N VAL A 329 -16.08 -6.73 2.86
CA VAL A 329 -15.63 -7.67 3.87
C VAL A 329 -14.89 -8.81 3.19
N LEU A 330 -13.76 -9.25 3.77
CA LEU A 330 -13.01 -10.34 3.16
C LEU A 330 -13.55 -11.71 3.53
N TRP A 331 -14.22 -11.84 4.64
CA TRP A 331 -14.59 -13.16 5.17
C TRP A 331 -15.59 -13.93 4.27
N THR A 332 -16.29 -13.26 3.37
CA THR A 332 -17.19 -13.96 2.41
C THR A 332 -16.37 -14.83 1.48
N SER A 333 -15.08 -14.56 1.30
CA SER A 333 -14.20 -15.33 0.43
C SER A 333 -13.75 -16.64 1.06
N ASN A 334 -13.95 -16.79 2.38
CA ASN A 334 -13.45 -17.90 3.20
C ASN A 334 -11.93 -18.07 2.99
N TYR A 335 -11.20 -17.00 2.64
CA TYR A 335 -9.70 -17.03 2.70
C TYR A 335 -9.20 -18.12 1.76
N ASP A 336 -9.76 -18.18 0.54
CA ASP A 336 -9.46 -19.24 -0.43
C ASP A 336 -8.04 -19.07 -0.98
N THR A 337 -7.17 -20.01 -0.66
CA THR A 337 -5.78 -19.96 -1.14
C THR A 337 -5.68 -20.54 -2.54
N SER A 338 -6.77 -21.05 -3.11
CA SER A 338 -6.80 -21.55 -4.50
CA SER A 338 -6.77 -21.53 -4.51
C SER A 338 -7.35 -20.47 -5.44
N SER A 339 -7.67 -19.24 -4.95
N SER A 339 -7.79 -19.31 -4.99
CA SER A 339 -8.19 -18.15 -5.81
CA SER A 339 -8.34 -17.99 -5.80
CA SER A 339 -8.28 -18.31 -5.94
C SER A 339 -7.12 -17.84 -6.86
C SER A 339 -7.15 -17.90 -6.89
N ASP A 340 -7.58 -17.51 -8.08
CA ASP A 340 -6.64 -17.11 -9.17
C ASP A 340 -5.60 -16.10 -8.67
N LEU A 341 -6.06 -14.99 -8.13
CA LEU A 341 -5.09 -13.95 -7.76
C LEU A 341 -4.29 -14.29 -6.50
N TYR A 342 -4.77 -15.13 -5.62
CA TYR A 342 -3.95 -15.61 -4.50
C TYR A 342 -2.73 -16.36 -5.03
N LYS A 343 -2.99 -17.31 -5.93
CA LYS A 343 -1.91 -18.13 -6.49
CA LYS A 343 -1.93 -18.15 -6.54
C LYS A 343 -0.95 -17.23 -7.28
N PHE A 344 -1.51 -16.28 -8.03
CA PHE A 344 -0.65 -15.38 -8.83
C PHE A 344 0.24 -14.53 -7.90
N ILE A 345 -0.38 -13.89 -6.92
CA ILE A 345 0.38 -13.05 -5.98
C ILE A 345 1.43 -13.89 -5.24
N LYS A 346 1.12 -15.14 -4.92
CA LYS A 346 2.13 -15.99 -4.28
C LYS A 346 3.34 -16.13 -5.22
N ILE A 347 3.11 -16.38 -6.51
CA ILE A 347 4.28 -16.49 -7.43
C ILE A 347 5.11 -15.20 -7.37
N VAL A 348 4.43 -14.08 -7.57
CA VAL A 348 5.17 -12.77 -7.72
C VAL A 348 5.88 -12.39 -6.39
N ASN A 349 5.09 -12.46 -5.32
CA ASN A 349 5.41 -11.84 -4.03
C ASN A 349 6.08 -12.82 -3.07
N ASN A 350 5.94 -14.12 -3.27
CA ASN A 350 6.59 -15.12 -2.41
CA ASN A 350 6.61 -15.10 -2.41
C ASN A 350 7.75 -15.75 -3.17
N ASP A 351 7.52 -16.19 -4.39
CA ASP A 351 8.50 -17.03 -5.10
C ASP A 351 9.56 -16.19 -5.80
N VAL A 352 9.15 -15.13 -6.49
CA VAL A 352 10.11 -14.33 -7.30
C VAL A 352 10.73 -13.18 -6.48
N ARG A 353 9.94 -12.53 -5.66
CA ARG A 353 10.37 -11.35 -4.93
C ARG A 353 11.61 -11.59 -4.07
N GLN A 354 12.53 -10.62 -4.12
N GLN A 354 12.52 -10.62 -4.13
CA GLN A 354 13.77 -10.64 -3.33
CA GLN A 354 13.68 -10.60 -3.22
C GLN A 354 13.42 -10.12 -1.90
C GLN A 354 13.20 -10.18 -1.84
N LYS A 355 13.62 -10.96 -0.88
CA LYS A 355 13.20 -10.67 0.51
C LYS A 355 14.31 -10.10 1.37
N SER A 356 15.50 -9.96 0.80
CA SER A 356 16.61 -9.30 1.48
C SER A 356 17.50 -8.67 0.41
N ASP A 357 18.10 -7.52 0.72
N ASP A 357 18.14 -7.55 0.72
CA ASP A 357 19.04 -6.87 -0.21
CA ASP A 357 19.07 -6.84 -0.20
C ASP A 357 18.42 -6.67 -1.60
C ASP A 357 18.44 -6.62 -1.59
N LYS A 358 17.18 -6.22 -1.62
CA LYS A 358 16.49 -6.01 -2.88
C LYS A 358 17.31 -5.10 -3.79
N THR A 359 17.43 -5.48 -5.06
CA THR A 359 18.04 -4.66 -6.11
CA THR A 359 18.04 -4.64 -6.11
C THR A 359 17.14 -4.69 -7.33
N VAL A 360 16.99 -3.55 -7.94
N VAL A 360 16.93 -3.56 -7.94
CA VAL A 360 16.17 -3.36 -9.16
CA VAL A 360 16.23 -3.51 -9.23
C VAL A 360 16.99 -2.55 -10.15
C VAL A 360 17.00 -2.59 -10.16
N THR A 361 16.94 -2.93 -11.43
CA THR A 361 17.41 -2.07 -12.54
C THR A 361 16.19 -1.74 -13.39
N LEU A 362 15.81 -0.48 -13.39
CA LEU A 362 14.67 0.00 -14.18
C LEU A 362 15.03 0.21 -15.65
N ASP A 363 14.00 0.23 -16.50
CA ASP A 363 14.16 0.71 -17.89
C ASP A 363 15.18 -0.18 -18.65
N VAL A 364 15.17 -1.48 -18.41
CA VAL A 364 16.03 -2.38 -19.21
C VAL A 364 15.55 -2.39 -20.67
N ASP A 365 14.25 -2.32 -20.90
CA ASP A 365 13.74 -2.14 -22.28
C ASP A 365 12.41 -1.44 -22.15
N VAL A 366 12.32 -0.25 -22.69
CA VAL A 366 11.09 0.54 -22.68
C VAL A 366 10.48 0.47 -24.07
N GLY A 367 9.38 -0.24 -24.19
CA GLY A 367 8.64 -0.31 -25.44
C GLY A 367 7.38 0.49 -25.40
N THR A 368 6.51 0.35 -26.38
CA THR A 368 5.22 1.04 -26.35
CA THR A 368 5.21 1.01 -26.37
C THR A 368 4.26 0.20 -25.51
N ASN A 369 4.19 -1.10 -25.76
CA ASN A 369 3.24 -2.01 -25.10
C ASN A 369 3.93 -3.00 -24.17
N THR A 370 5.26 -2.90 -24.07
CA THR A 370 6.06 -3.82 -23.25
C THR A 370 7.08 -3.00 -22.46
N TYR A 371 7.52 -3.58 -21.36
CA TYR A 371 8.50 -2.95 -20.47
C TYR A 371 9.25 -4.04 -19.71
N ALA A 372 10.57 -3.98 -19.73
CA ALA A 372 11.41 -4.94 -19.02
C ALA A 372 12.24 -4.23 -17.99
N PHE A 373 12.44 -4.89 -16.87
CA PHE A 373 13.29 -4.40 -15.77
C PHE A 373 13.81 -5.64 -15.07
N THR A 374 14.90 -5.49 -14.31
CA THR A 374 15.54 -6.52 -13.47
CA THR A 374 15.40 -6.60 -13.48
C THR A 374 15.04 -6.37 -12.02
N HIS A 375 14.76 -7.50 -11.38
CA HIS A 375 14.47 -7.58 -9.94
C HIS A 375 15.31 -8.71 -9.41
N GLY A 376 16.33 -8.40 -8.62
CA GLY A 376 17.29 -9.42 -8.26
C GLY A 376 17.94 -9.94 -9.52
N LYS A 377 18.01 -11.26 -9.66
CA LYS A 377 18.60 -11.88 -10.85
C LYS A 377 17.53 -12.15 -11.93
N ASN A 378 16.32 -11.72 -11.70
CA ASN A 378 15.18 -12.08 -12.56
C ASN A 378 14.89 -10.96 -13.55
N LEU A 379 14.45 -11.32 -14.76
CA LEU A 379 14.07 -10.34 -15.79
C LEU A 379 12.55 -10.32 -15.83
N ILE A 380 11.96 -9.18 -15.51
CA ILE A 380 10.51 -9.00 -15.42
C ILE A 380 10.04 -8.29 -16.67
N VAL A 381 9.10 -8.92 -17.39
CA VAL A 381 8.58 -8.33 -18.62
C VAL A 381 7.08 -8.18 -18.47
N VAL A 382 6.61 -6.93 -18.44
CA VAL A 382 5.19 -6.63 -18.33
C VAL A 382 4.72 -6.02 -19.66
N ASN A 383 3.40 -6.04 -19.83
CA ASN A 383 2.80 -5.54 -21.07
C ASN A 383 1.41 -5.03 -20.81
N ASN A 384 0.91 -4.24 -21.74
CA ASN A 384 -0.49 -3.78 -21.65
C ASN A 384 -1.27 -4.12 -22.92
N TYR A 385 -0.99 -5.26 -23.52
CA TYR A 385 -1.84 -5.69 -24.68
C TYR A 385 -3.27 -6.00 -24.28
N GLY A 386 -3.46 -6.76 -23.21
CA GLY A 386 -4.78 -7.23 -22.83
C GLY A 386 -4.92 -8.74 -22.79
N SER A 387 -6.01 -9.15 -22.19
CA SER A 387 -6.29 -10.59 -22.11
CA SER A 387 -6.46 -10.54 -22.14
C SER A 387 -6.40 -11.20 -23.52
N GLY A 388 -5.94 -12.43 -23.56
CA GLY A 388 -6.00 -13.18 -24.82
C GLY A 388 -4.81 -12.98 -25.73
N SER A 389 -3.92 -12.05 -25.41
CA SER A 389 -2.82 -11.71 -26.33
CA SER A 389 -2.85 -11.69 -26.35
C SER A 389 -1.78 -12.80 -26.40
N THR A 390 -1.35 -13.12 -27.61
CA THR A 390 -0.26 -14.05 -27.85
C THR A 390 0.82 -13.42 -28.71
N GLU A 391 0.95 -12.11 -28.64
CA GLU A 391 1.94 -11.40 -29.46
CA GLU A 391 1.96 -11.34 -29.37
C GLU A 391 3.37 -11.87 -29.11
N SER A 392 4.20 -11.88 -30.12
CA SER A 392 5.64 -12.05 -29.97
C SER A 392 6.19 -10.74 -29.40
N VAL A 393 7.01 -10.94 -28.40
CA VAL A 393 7.70 -9.86 -27.65
C VAL A 393 9.21 -10.09 -27.77
N THR A 394 9.95 -9.03 -28.08
CA THR A 394 11.41 -9.07 -28.00
C THR A 394 11.87 -7.98 -27.07
N VAL A 395 12.69 -8.32 -26.09
CA VAL A 395 13.25 -7.34 -25.16
C VAL A 395 14.75 -7.58 -24.99
N LYS A 396 15.43 -6.47 -24.78
CA LYS A 396 16.79 -6.50 -24.21
CA LYS A 396 16.80 -6.49 -24.21
C LYS A 396 16.78 -7.09 -22.80
N VAL A 397 17.89 -7.71 -22.42
CA VAL A 397 17.97 -8.36 -21.10
C VAL A 397 18.86 -7.57 -20.14
N GLY A 398 19.58 -6.56 -20.61
CA GLY A 398 20.44 -5.77 -19.74
C GLY A 398 21.79 -6.40 -19.52
N ASP A 399 22.53 -5.82 -18.61
CA ASP A 399 24.00 -6.00 -18.55
C ASP A 399 24.39 -7.25 -17.73
N SER A 400 23.49 -7.89 -17.01
CA SER A 400 23.77 -8.95 -16.02
C SER A 400 23.17 -10.29 -16.46
N VAL A 401 22.66 -10.42 -17.70
CA VAL A 401 22.18 -11.71 -18.22
C VAL A 401 23.00 -12.07 -19.46
N ALA A 402 23.80 -13.11 -19.35
CA ALA A 402 24.73 -13.52 -20.43
C ALA A 402 23.98 -14.14 -21.60
N ASP A 403 24.50 -13.96 -22.80
CA ASP A 403 24.03 -14.78 -23.93
C ASP A 403 24.13 -16.26 -23.55
N GLY A 404 23.13 -16.99 -24.01
CA GLY A 404 23.01 -18.43 -23.74
C GLY A 404 22.36 -18.76 -22.41
N THR A 405 22.00 -17.77 -21.62
CA THR A 405 21.29 -18.04 -20.36
C THR A 405 19.85 -18.47 -20.65
N LYS A 406 19.46 -19.60 -20.11
CA LYS A 406 18.09 -20.10 -20.21
C LYS A 406 17.29 -19.44 -19.08
N LEU A 407 16.16 -18.86 -19.45
CA LEU A 407 15.23 -18.21 -18.52
C LEU A 407 13.88 -18.94 -18.56
N VAL A 408 13.30 -19.11 -17.38
CA VAL A 408 11.98 -19.74 -17.30
C VAL A 408 11.06 -18.82 -16.54
N ASP A 409 9.97 -18.46 -17.19
CA ASP A 409 8.94 -17.57 -16.63
C ASP A 409 8.16 -18.29 -15.55
N ALA A 410 8.14 -17.74 -14.34
CA ALA A 410 7.43 -18.35 -13.20
C ALA A 410 5.91 -18.32 -13.33
N VAL A 411 5.36 -17.44 -14.15
CA VAL A 411 3.89 -17.33 -14.25
C VAL A 411 3.31 -18.41 -15.17
N SER A 412 3.86 -18.51 -16.39
CA SER A 412 3.30 -19.39 -17.44
C SER A 412 4.29 -20.43 -17.90
N ASN A 413 5.48 -20.52 -17.31
CA ASN A 413 6.49 -21.53 -17.68
C ASN A 413 6.97 -21.35 -19.12
N ILE A 414 6.90 -20.14 -19.64
CA ILE A 414 7.54 -19.83 -20.93
C ILE A 414 9.05 -19.95 -20.78
N THR A 415 9.73 -20.62 -21.71
CA THR A 415 11.21 -20.74 -21.73
CA THR A 415 11.20 -20.63 -21.66
C THR A 415 11.73 -19.84 -22.84
N ALA A 416 12.78 -19.08 -22.58
CA ALA A 416 13.46 -18.28 -23.59
C ALA A 416 14.91 -18.22 -23.23
N THR A 417 15.74 -18.24 -24.23
CA THR A 417 17.22 -18.21 -24.04
C THR A 417 17.77 -16.96 -24.68
N VAL A 418 18.67 -16.29 -23.97
CA VAL A 418 19.29 -15.05 -24.42
C VAL A 418 20.15 -15.27 -25.64
N SER A 419 19.93 -14.45 -26.66
CA SER A 419 20.66 -14.52 -27.94
C SER A 419 20.90 -13.10 -28.41
N GLY A 420 22.17 -12.73 -28.59
CA GLY A 420 22.41 -11.37 -29.04
C GLY A 420 21.84 -10.31 -28.12
N GLY A 421 21.90 -10.55 -26.79
CA GLY A 421 21.47 -9.52 -25.81
C GLY A 421 19.98 -9.38 -25.68
N SER A 422 19.20 -10.29 -26.24
N SER A 422 19.17 -10.25 -26.28
CA SER A 422 17.72 -10.20 -26.21
CA SER A 422 17.70 -10.14 -26.18
C SER A 422 17.08 -11.55 -25.93
C SER A 422 17.07 -11.52 -26.02
N ILE A 423 15.82 -11.50 -25.60
CA ILE A 423 14.94 -12.68 -25.65
C ILE A 423 13.73 -12.32 -26.51
N THR A 424 13.22 -13.37 -27.18
CA THR A 424 11.98 -13.29 -27.91
C THR A 424 11.06 -14.42 -27.40
N PHE A 425 9.80 -14.11 -27.15
CA PHE A 425 8.84 -15.12 -26.70
C PHE A 425 7.46 -14.66 -27.05
N SER A 426 6.53 -15.62 -27.01
CA SER A 426 5.12 -15.30 -27.25
C SER A 426 4.38 -15.23 -25.94
N LEU A 427 3.60 -14.18 -25.78
CA LEU A 427 2.77 -14.01 -24.59
C LEU A 427 1.78 -15.16 -24.45
N LYS A 428 1.48 -15.46 -23.22
CA LYS A 428 0.42 -16.40 -22.82
CA LYS A 428 0.41 -16.39 -22.85
C LYS A 428 -0.72 -15.59 -22.24
N ASP A 429 -1.86 -15.49 -22.92
CA ASP A 429 -3.01 -14.77 -22.37
C ASP A 429 -2.64 -13.35 -21.92
N GLY A 430 -1.75 -12.70 -22.63
CA GLY A 430 -1.36 -11.33 -22.24
C GLY A 430 -0.67 -11.23 -20.88
N LEU A 431 -0.18 -12.31 -20.31
CA LEU A 431 0.28 -12.29 -18.90
C LEU A 431 1.66 -11.69 -18.80
N PRO A 432 1.98 -11.14 -17.61
CA PRO A 432 3.36 -10.77 -17.32
C PRO A 432 4.23 -12.02 -17.29
N ALA A 433 5.52 -11.85 -17.59
CA ALA A 433 6.49 -12.94 -17.64
C ALA A 433 7.62 -12.60 -16.65
N LEU A 434 7.83 -13.47 -15.68
CA LEU A 434 8.77 -13.27 -14.58
C LEU A 434 9.89 -14.28 -14.78
N PHE A 435 10.92 -13.88 -15.58
CA PHE A 435 11.94 -14.85 -16.03
C PHE A 435 13.01 -15.06 -14.96
N VAL A 436 13.12 -16.30 -14.55
CA VAL A 436 14.11 -16.75 -13.55
C VAL A 436 15.19 -17.51 -14.27
N PRO A 437 16.45 -17.19 -14.08
CA PRO A 437 17.47 -18.01 -14.72
C PRO A 437 17.45 -19.45 -14.24
N SER A 438 17.70 -20.41 -15.14
N SER A 438 17.56 -20.35 -15.22
CA SER A 438 17.84 -21.84 -14.74
CA SER A 438 17.60 -21.82 -14.99
C SER A 438 18.99 -22.01 -13.74
C SER A 438 18.93 -22.24 -14.37
C2 BGC B . -4.28 14.73 -8.33
C3 BGC B . -4.60 14.64 -6.88
C4 BGC B . -6.10 14.71 -6.64
C5 BGC B . -6.74 13.58 -7.41
C6 BGC B . -8.22 13.54 -7.21
C1 BGC B . -5.02 13.61 -9.03
O1 BGC B . -4.91 13.75 -10.44
O2 BGC B . -2.88 14.65 -8.54
O3 BGC B . -3.93 15.73 -6.20
O4 BGC B . -6.27 14.57 -5.20
O5 BGC B . -6.48 13.76 -8.79
O6 BGC B . -8.78 14.79 -7.51
C1 GLC B . -7.23 15.52 -4.64
C2 GLC B . -6.52 16.26 -3.54
C3 GLC B . -6.21 15.35 -2.35
C4 GLC B . -7.48 14.75 -1.84
C5 GLC B . -8.14 13.95 -3.01
C6 GLC B . -9.43 13.30 -2.61
O2 GLC B . -5.30 16.85 -4.02
O3 GLC B . -5.57 16.13 -1.31
O4 GLC B . -7.19 13.87 -0.77
O5 GLC B . -8.37 14.86 -4.08
O6 GLC B . -10.41 14.25 -2.30
C1 AC1 B . -7.78 14.16 0.49
O2 AC1 B . -5.65 14.98 1.17
C2 AC1 B . -6.72 14.14 1.57
C4A AC1 B . -9.31 9.10 5.28
C3 AC1 B . -6.23 12.74 1.85
O3 AC1 B . -5.35 12.81 2.97
C4 AC1 B . -7.42 11.83 2.07
N4A AC1 B . -6.91 10.45 2.42
C5 AC1 B . -8.42 11.88 0.90
O5 AC1 B . -8.82 13.27 0.80
C6 AC1 B . -9.63 11.02 1.06
C1B AC1 B . -6.80 10.07 3.93
C2B AC1 B . -7.15 8.58 4.21
O2B AC1 B . -6.37 7.73 3.41
C3B AC1 B . -8.65 8.42 4.09
O3B AC1 B . -9.09 7.05 4.01
O4 AC1 B . -10.74 9.17 4.96
C5B AC1 B . -8.74 10.44 5.51
C7B AC1 B . -7.66 10.85 4.87
C6B AC1 B . -9.31 11.20 6.65
O6B AC1 B . -8.62 10.74 7.86
C1 GLC B . -11.64 8.85 6.03
C2 GLC B . -12.46 7.63 5.59
C3 GLC B . -13.42 7.94 4.47
C4 GLC B . -14.25 9.17 4.84
C5 GLC B . -13.28 10.32 5.13
C6 GLC B . -13.95 11.64 5.50
O2 GLC B . -11.60 6.53 5.19
O3 GLC B . -14.23 6.77 4.29
O4 GLC B . -15.07 9.61 3.72
O5 GLC B . -12.49 9.96 6.26
O6 GLC B . -14.72 11.47 6.64
C1 AC1 B . -16.32 8.82 3.48
O2 AC1 B . -15.78 9.04 1.12
C2 AC1 B . -16.80 9.25 2.09
C4A AC1 B . -18.46 16.18 2.86
C3 AC1 B . -17.26 10.71 2.13
O3 AC1 B . -17.76 11.09 0.86
C4 AC1 B . -18.32 10.88 3.22
N4A AC1 B . -18.80 12.29 3.27
C5 AC1 B . -17.79 10.44 4.59
O5 AC1 B . -17.30 9.08 4.52
C6 AC1 B . -18.83 10.41 5.72
C1B AC1 B . -17.86 13.41 3.83
C2B AC1 B . -18.66 14.40 4.66
O2B AC1 B . -19.53 13.73 5.58
C3B AC1 B . -19.42 15.34 3.73
O3B AC1 B . -20.33 16.21 4.44
O4 AC1 B . -19.14 16.78 1.74
C5B AC1 B . -17.30 15.36 2.35
C7B AC1 B . -17.06 14.10 2.76
C6B AC1 B . -16.49 16.07 1.30
O6B AC1 B . -15.23 15.45 1.13
C1 NAG C . -5.24 30.98 1.76
C2 NAG C . -6.06 32.25 1.65
C3 NAG C . -6.06 33.01 2.99
C4 NAG C . -6.54 32.08 4.07
C5 NAG C . -5.64 30.83 4.12
C6 NAG C . -6.01 29.84 5.18
C7 NAG C . -6.38 33.71 -0.30
C8 NAG C . -5.79 34.67 -1.29
N2 NAG C . -5.59 33.11 0.57
O3 NAG C . -6.91 34.15 2.93
O4 NAG C . -6.56 32.72 5.36
O5 NAG C . -5.74 30.21 2.84
O6 NAG C . -7.36 29.47 5.14
O7 NAG C . -7.59 33.46 -0.31
S SO4 D . 7.81 16.56 23.18
O1 SO4 D . 8.98 16.71 23.98
O2 SO4 D . 7.36 17.90 22.99
O3 SO4 D . 6.79 15.80 23.87
O4 SO4 D . 8.19 15.89 21.98
S SO4 E . -16.48 28.15 4.29
O1 SO4 E . -15.07 28.06 4.30
O2 SO4 E . -16.92 28.95 5.40
O3 SO4 E . -16.94 28.70 3.04
O4 SO4 E . -17.05 26.82 4.43
S SO4 F . 7.42 21.69 15.81
S SO4 F . 7.51 21.83 15.51
O1 SO4 F . 7.61 22.96 15.06
O1 SO4 F . 6.26 22.31 16.15
O2 SO4 F . 7.12 22.04 17.15
O2 SO4 F . 7.49 21.93 14.02
O3 SO4 F . 6.33 20.88 15.35
O3 SO4 F . 8.59 22.75 15.95
O4 SO4 F . 8.62 20.90 15.80
O4 SO4 F . 7.80 20.48 15.90
C1 EDO G . 5.46 4.60 -24.86
O1 EDO G . 6.82 3.98 -24.78
C2 EDO G . 5.07 5.42 -26.07
O2 EDO G . 3.97 4.95 -26.80
C1 EDO H . 16.44 5.46 -13.36
O1 EDO H . 16.46 4.33 -14.25
C2 EDO H . 15.09 6.06 -13.19
O2 EDO H . 14.74 7.06 -14.15
S SO4 I . -19.89 10.40 19.17
O1 SO4 I . -19.11 11.59 19.52
O2 SO4 I . -19.25 9.24 19.82
O3 SO4 I . -21.24 10.55 19.68
O4 SO4 I . -19.92 10.36 17.73
S SO4 J . -19.87 2.87 18.02
O1 SO4 J . -18.76 2.05 18.42
O2 SO4 J . -20.58 3.27 19.20
O3 SO4 J . -20.78 2.15 17.10
O4 SO4 J . -19.45 4.03 17.32
S SO4 K . 6.83 -2.98 -28.28
O1 SO4 K . 7.69 -1.76 -28.49
O2 SO4 K . 5.95 -2.69 -27.22
O3 SO4 K . 6.17 -3.26 -29.58
O4 SO4 K . 7.59 -4.15 -27.83
CA CA L . -4.53 20.74 9.47
#